data_6XNU
#
_entry.id   6XNU
#
_cell.length_a   54.260
_cell.length_b   71.972
_cell.length_c   74.648
_cell.angle_alpha   90.000
_cell.angle_beta   90.000
_cell.angle_gamma   90.000
#
_symmetry.space_group_name_H-M   'P 21 21 21'
#
loop_
_entity.id
_entity.type
_entity.pdbx_description
1 polymer 'CBS domain-containing protein'
2 non-polymer 'CHLORIDE ION'
3 water water
#
_entity_poly.entity_id   1
_entity_poly.type   'polypeptide(L)'
_entity_poly.pdbx_seq_one_letter_code
;MGSSHHHHHHSSGMISNRFGQFIDNELADSMISAEKVAHVQLGNNLEHALLVLTKCGYSVIPVLDFEFKLHGLISAAMIT
DAILGLERIEFERLEDLKVEDVMQTDFPVIKDFNNNERIVHLLVDHPFVCVVDSDHHFEGIVTRRVVLKQVNRYIHLQVE
ENR
;
_entity_poly.pdbx_strand_id   A,B
#
loop_
_chem_comp.id
_chem_comp.type
_chem_comp.name
_chem_comp.formula
CL non-polymer 'CHLORIDE ION' 'Cl -1'
#
# COMPACT_ATOMS: atom_id res chain seq x y z
N ASN A 25 11.57 0.40 24.38
CA ASN A 25 10.39 1.14 23.95
C ASN A 25 10.42 1.45 22.46
N GLU A 26 11.06 0.59 21.66
CA GLU A 26 11.30 0.94 20.27
C GLU A 26 10.03 0.81 19.43
N LEU A 27 9.22 -0.22 19.69
CA LEU A 27 7.95 -0.33 18.98
C LEU A 27 7.02 0.82 19.33
N ALA A 28 6.93 1.16 20.63
CA ALA A 28 6.03 2.23 21.04
C ALA A 28 6.49 3.58 20.50
N ASP A 29 7.79 3.88 20.58
CA ASP A 29 8.27 5.15 20.08
C ASP A 29 8.14 5.28 18.56
N SER A 30 8.02 4.17 17.84
CA SER A 30 7.86 4.21 16.39
C SER A 30 6.44 4.51 15.93
N MET A 31 5.47 4.51 16.84
CA MET A 31 4.09 4.75 16.41
C MET A 31 4.01 6.10 15.71
N ILE A 32 3.32 6.13 14.58
CA ILE A 32 3.02 7.38 13.89
C ILE A 32 1.79 7.98 14.53
N SER A 33 1.93 9.19 15.08
CA SER A 33 0.86 9.84 15.83
C SER A 33 -0.35 10.10 14.95
N ALA A 34 -1.55 10.06 15.56
CA ALA A 34 -2.77 10.13 14.79
C ALA A 34 -2.87 11.38 13.91
N GLU A 35 -2.37 12.52 14.38
CA GLU A 35 -2.53 13.73 13.59
C GLU A 35 -1.69 13.73 12.31
N LYS A 36 -0.79 12.77 12.15
CA LYS A 36 -0.02 12.60 10.92
C LYS A 36 -0.64 11.58 9.99
N VAL A 37 -1.74 10.96 10.38
CA VAL A 37 -2.44 9.94 9.59
C VAL A 37 -3.75 10.55 9.12
N ALA A 38 -3.95 10.64 7.81
CA ALA A 38 -5.23 11.12 7.32
C ALA A 38 -6.33 10.14 7.68
N HIS A 39 -7.55 10.66 7.85
CA HIS A 39 -8.70 9.83 8.14
C HIS A 39 -9.92 10.42 7.44
N VAL A 40 -10.98 9.61 7.37
CA VAL A 40 -12.30 10.10 6.99
C VAL A 40 -13.24 9.82 8.16
N GLN A 41 -14.45 10.38 8.05
CA GLN A 41 -15.45 10.28 9.11
C GLN A 41 -16.66 9.51 8.61
N LEU A 42 -17.33 8.79 9.52
CA LEU A 42 -18.62 8.20 9.17
C LEU A 42 -19.51 9.28 8.55
N GLY A 43 -20.22 8.91 7.48
CA GLY A 43 -21.07 9.84 6.79
C GLY A 43 -20.42 10.60 5.66
N ASN A 44 -19.08 10.62 5.60
CA ASN A 44 -18.40 11.16 4.43
C ASN A 44 -18.78 10.33 3.20
N ASN A 45 -18.92 10.98 2.06
CA ASN A 45 -19.18 10.21 0.85
C ASN A 45 -17.86 9.70 0.26
N LEU A 46 -17.99 8.83 -0.75
CA LEU A 46 -16.81 8.16 -1.31
C LEU A 46 -15.98 9.08 -2.20
N GLU A 47 -16.59 10.11 -2.79
CA GLU A 47 -15.80 11.08 -3.53
C GLU A 47 -14.85 11.82 -2.60
N HIS A 48 -15.34 12.24 -1.43
CA HIS A 48 -14.47 12.87 -0.45
C HIS A 48 -13.35 11.91 -0.01
N ALA A 49 -13.71 10.66 0.27
CA ALA A 49 -12.70 9.69 0.71
C ALA A 49 -11.63 9.49 -0.36
N LEU A 50 -12.02 9.45 -1.63
CA LEU A 50 -11.04 9.28 -2.70
C LEU A 50 -10.06 10.43 -2.74
N LEU A 51 -10.55 11.65 -2.50
CA LEU A 51 -9.68 12.82 -2.46
C LEU A 51 -8.68 12.70 -1.32
N VAL A 52 -9.17 12.37 -0.11
CA VAL A 52 -8.27 12.23 1.04
C VAL A 52 -7.22 11.16 0.76
N LEU A 53 -7.66 10.00 0.28
CA LEU A 53 -6.72 8.92 -0.01
C LEU A 53 -5.67 9.35 -1.02
N THR A 54 -6.08 10.09 -2.05
CA THR A 54 -5.14 10.44 -3.11
C THR A 54 -4.06 11.39 -2.62
N LYS A 55 -4.40 12.32 -1.73
CA LYS A 55 -3.45 13.34 -1.29
C LYS A 55 -2.60 12.90 -0.10
N CYS A 56 -3.03 11.91 0.68
CA CYS A 56 -2.47 11.68 2.00
C CYS A 56 -1.21 10.80 2.02
N GLY A 57 -0.94 10.03 0.97
CA GLY A 57 0.23 9.18 0.96
C GLY A 57 0.06 7.81 1.60
N TYR A 58 -1.12 7.49 2.12
CA TYR A 58 -1.43 6.17 2.63
C TYR A 58 -2.43 5.49 1.71
N SER A 59 -2.22 4.20 1.42
CA SER A 59 -3.17 3.49 0.57
C SER A 59 -4.41 3.01 1.32
N VAL A 60 -4.34 2.91 2.64
CA VAL A 60 -5.46 2.57 3.50
C VAL A 60 -5.49 3.58 4.64
N ILE A 61 -6.67 4.12 4.94
CA ILE A 61 -6.78 5.12 6.01
C ILE A 61 -7.90 4.73 6.97
N PRO A 62 -7.82 5.20 8.22
CA PRO A 62 -8.87 4.88 9.19
C PRO A 62 -10.13 5.68 8.94
N VAL A 63 -11.25 5.10 9.35
CA VAL A 63 -12.54 5.77 9.37
C VAL A 63 -12.91 5.96 10.84
N LEU A 64 -13.13 7.21 11.24
CA LEU A 64 -13.42 7.58 12.61
C LEU A 64 -14.84 8.11 12.72
N ASP A 65 -15.35 8.16 13.96
CA ASP A 65 -16.59 8.85 14.22
C ASP A 65 -16.29 10.26 14.76
N PHE A 66 -17.34 10.98 15.17
CA PHE A 66 -17.13 12.35 15.63
C PHE A 66 -16.42 12.42 16.97
N GLU A 67 -16.34 11.31 17.72
CA GLU A 67 -15.56 11.22 18.95
C GLU A 67 -14.15 10.70 18.70
N PHE A 68 -13.75 10.59 17.43
CA PHE A 68 -12.42 10.12 17.04
C PHE A 68 -12.17 8.67 17.47
N LYS A 69 -13.24 7.88 17.58
CA LYS A 69 -13.10 6.44 17.77
C LYS A 69 -13.00 5.73 16.41
N LEU A 70 -12.26 4.64 16.40
CA LEU A 70 -11.92 3.92 15.16
C LEU A 70 -13.01 2.92 14.81
N HIS A 71 -13.59 3.07 13.61
CA HIS A 71 -14.67 2.20 13.14
C HIS A 71 -14.30 1.33 11.95
N GLY A 72 -13.34 1.75 11.13
CA GLY A 72 -13.08 0.97 9.93
C GLY A 72 -11.84 1.45 9.23
N LEU A 73 -11.53 0.75 8.14
CA LEU A 73 -10.40 1.05 7.27
C LEU A 73 -10.94 1.10 5.85
N ILE A 74 -10.44 2.06 5.05
CA ILE A 74 -10.93 2.22 3.69
C ILE A 74 -9.78 2.48 2.74
N SER A 75 -9.93 1.96 1.52
CA SER A 75 -8.93 2.09 0.47
C SER A 75 -9.62 2.46 -0.83
N ALA A 76 -8.81 2.89 -1.80
CA ALA A 76 -9.33 3.16 -3.14
C ALA A 76 -9.92 1.92 -3.78
N ALA A 77 -9.34 0.74 -3.52
CA ALA A 77 -9.86 -0.47 -4.14
C ALA A 77 -11.26 -0.79 -3.60
N MET A 78 -11.48 -0.58 -2.30
CA MET A 78 -12.80 -0.82 -1.72
C MET A 78 -13.82 0.12 -2.33
N ILE A 79 -13.44 1.38 -2.53
CA ILE A 79 -14.35 2.38 -3.08
C ILE A 79 -14.68 2.04 -4.54
N THR A 80 -13.66 1.75 -5.35
CA THR A 80 -13.89 1.56 -6.77
C THR A 80 -14.64 0.25 -7.03
N ASP A 81 -14.36 -0.79 -6.24
CA ASP A 81 -15.10 -2.04 -6.38
C ASP A 81 -16.60 -1.79 -6.18
N ALA A 82 -16.95 -0.91 -5.23
CA ALA A 82 -18.35 -0.63 -4.96
C ALA A 82 -19.08 -0.01 -6.14
N ILE A 83 -18.36 0.65 -7.06
CA ILE A 83 -19.00 1.33 -8.19
C ILE A 83 -18.65 0.64 -9.52
N LEU A 84 -18.21 -0.61 -9.48
CA LEU A 84 -17.97 -1.37 -10.70
C LEU A 84 -19.31 -1.85 -11.25
N GLY A 85 -19.75 -1.25 -12.35
CA GLY A 85 -21.00 -1.61 -12.99
C GLY A 85 -20.85 -2.77 -13.95
N LEU A 86 -21.95 -3.06 -14.64
CA LEU A 86 -21.96 -4.16 -15.60
C LEU A 86 -21.50 -3.73 -16.99
N ARG A 88 -19.31 -0.60 -16.79
CA ARG A 88 -18.92 0.80 -16.65
C ARG A 88 -18.63 1.15 -15.19
N ILE A 89 -17.47 1.76 -14.94
CA ILE A 89 -17.17 2.25 -13.59
C ILE A 89 -18.04 3.49 -13.36
N GLU A 90 -18.98 3.37 -12.42
CA GLU A 90 -20.02 4.37 -12.25
C GLU A 90 -19.58 5.44 -11.24
N PHE A 91 -18.63 6.26 -11.70
CA PHE A 91 -18.08 7.32 -10.85
C PHE A 91 -19.15 8.28 -10.34
N GLU A 92 -20.29 8.39 -11.04
CA GLU A 92 -21.36 9.27 -10.58
C GLU A 92 -21.90 8.84 -9.22
N ARG A 93 -21.81 7.54 -8.90
CA ARG A 93 -22.34 7.03 -7.64
C ARG A 93 -21.48 7.36 -6.42
N LEU A 94 -20.25 7.87 -6.62
CA LEU A 94 -19.39 8.16 -5.49
C LEU A 94 -20.01 9.22 -4.59
N GLU A 95 -20.72 10.18 -5.19
CA GLU A 95 -21.39 11.23 -4.44
C GLU A 95 -22.39 10.68 -3.43
N ASP A 96 -23.00 9.53 -3.74
CA ASP A 96 -24.14 9.05 -2.97
C ASP A 96 -23.81 7.99 -1.94
N LEU A 97 -22.72 7.26 -2.11
CA LEU A 97 -22.35 6.21 -1.16
C LEU A 97 -21.51 6.81 -0.04
N LYS A 98 -21.62 6.21 1.14
CA LYS A 98 -20.94 6.65 2.35
C LYS A 98 -19.77 5.72 2.66
N VAL A 99 -18.77 6.25 3.37
CA VAL A 99 -17.58 5.44 3.67
C VAL A 99 -17.96 4.20 4.45
N GLU A 100 -18.92 4.31 5.38
CA GLU A 100 -19.25 3.15 6.20
C GLU A 100 -19.89 2.04 5.36
N ASP A 101 -20.39 2.38 4.16
CA ASP A 101 -21.00 1.39 3.28
C ASP A 101 -19.97 0.43 2.70
N VAL A 102 -18.71 0.86 2.55
CA VAL A 102 -17.71 0.06 1.88
C VAL A 102 -16.50 -0.25 2.76
N MET A 103 -16.33 0.42 3.89
CA MET A 103 -15.14 0.25 4.70
C MET A 103 -15.05 -1.17 5.27
N GLN A 104 -13.82 -1.59 5.55
CA GLN A 104 -13.55 -2.86 6.21
C GLN A 104 -13.74 -2.69 7.72
N THR A 105 -14.59 -3.52 8.31
CA THR A 105 -14.86 -3.45 9.75
C THR A 105 -14.15 -4.55 10.51
N ASP A 106 -13.45 -5.44 9.82
CA ASP A 106 -12.73 -6.56 10.41
C ASP A 106 -11.24 -6.23 10.38
N PHE A 107 -10.74 -5.66 11.48
CA PHE A 107 -9.34 -5.26 11.52
C PHE A 107 -8.77 -5.47 12.93
N PRO A 108 -7.48 -5.74 13.02
CA PRO A 108 -6.86 -5.84 14.36
C PRO A 108 -6.54 -4.45 14.90
N VAL A 109 -6.40 -4.38 16.22
CA VAL A 109 -5.94 -3.16 16.87
C VAL A 109 -4.91 -3.49 17.93
N ILE A 110 -4.13 -2.47 18.30
CA ILE A 110 -3.16 -2.52 19.38
C ILE A 110 -3.67 -1.61 20.49
N LYS A 111 -3.74 -2.12 21.71
CA LYS A 111 -4.21 -1.30 22.82
C LYS A 111 -3.11 -0.98 23.82
N ASP A 112 -1.94 -1.58 23.67
CA ASP A 112 -0.81 -1.38 24.56
C ASP A 112 0.42 -1.97 23.88
N PHE A 113 1.59 -1.59 24.39
CA PHE A 113 2.85 -2.09 23.88
C PHE A 113 3.51 -3.07 24.85
N ASN A 114 2.70 -3.75 25.66
CA ASN A 114 3.25 -4.68 26.64
C ASN A 114 3.67 -6.02 26.03
N ASN A 115 3.30 -6.29 24.79
CA ASN A 115 3.56 -7.59 24.16
C ASN A 115 4.17 -7.33 22.78
N ASN A 116 5.50 -7.36 22.70
CA ASN A 116 6.16 -7.15 21.41
C ASN A 116 5.77 -8.23 20.40
N GLU A 117 5.61 -9.48 20.86
CA GLU A 117 5.42 -10.57 19.91
C GLU A 117 4.06 -10.50 19.22
N ARG A 118 3.01 -10.11 19.96
CA ARG A 118 1.71 -10.03 19.31
C ARG A 118 1.72 -8.94 18.24
N ILE A 119 2.46 -7.86 18.47
CA ILE A 119 2.52 -6.79 17.48
C ILE A 119 3.25 -7.27 16.23
N VAL A 120 4.40 -7.93 16.43
CA VAL A 120 5.14 -8.46 15.29
C VAL A 120 4.31 -9.49 14.54
N HIS A 121 3.55 -10.31 15.28
CA HIS A 121 2.68 -11.30 14.66
C HIS A 121 1.62 -10.65 13.79
N LEU A 122 1.00 -9.57 14.27
CA LEU A 122 -0.01 -8.88 13.47
C LEU A 122 0.60 -8.29 12.20
N LEU A 123 1.83 -7.79 12.30
CA LEU A 123 2.47 -7.15 11.16
C LEU A 123 2.82 -8.13 10.05
N VAL A 124 2.70 -9.43 10.30
CA VAL A 124 2.93 -10.42 9.24
C VAL A 124 1.90 -10.26 8.14
N ASP A 125 0.61 -10.20 8.50
CA ASP A 125 -0.43 -10.10 7.49
C ASP A 125 -1.04 -8.70 7.41
N HIS A 126 -0.46 -7.73 8.14
CA HIS A 126 -0.95 -6.37 8.09
C HIS A 126 0.21 -5.39 7.95
N PRO A 127 0.24 -4.62 6.87
CA PRO A 127 1.31 -3.62 6.70
C PRO A 127 1.34 -2.57 7.80
N PHE A 128 0.20 -2.24 8.39
CA PHE A 128 0.17 -1.41 9.59
C PHE A 128 -0.99 -1.88 10.45
N VAL A 129 -0.90 -1.53 11.73
CA VAL A 129 -1.96 -1.83 12.68
C VAL A 129 -2.28 -0.58 13.47
N CYS A 130 -3.57 -0.33 13.66
CA CYS A 130 -4.01 0.87 14.35
C CYS A 130 -3.82 0.72 15.86
N VAL A 131 -3.46 1.81 16.53
CA VAL A 131 -3.35 1.88 17.98
C VAL A 131 -4.56 2.66 18.50
N VAL A 132 -5.22 2.11 19.53
CA VAL A 132 -6.40 2.74 20.12
C VAL A 132 -6.26 2.64 21.62
N ASP A 133 -6.98 3.50 22.34
CA ASP A 133 -6.96 3.38 23.78
C ASP A 133 -8.17 2.51 24.19
N SER A 134 -8.41 2.37 25.50
CA SER A 134 -9.42 1.39 25.92
C SER A 134 -10.83 1.74 25.45
N ASP A 135 -11.12 3.00 25.14
CA ASP A 135 -12.43 3.36 24.61
C ASP A 135 -12.43 3.53 23.09
N HIS A 136 -11.45 2.95 22.41
CA HIS A 136 -11.31 2.89 20.95
C HIS A 136 -10.97 4.23 20.32
N HIS A 137 -10.53 5.21 21.11
CA HIS A 137 -10.04 6.46 20.56
C HIS A 137 -8.78 6.19 19.76
N PHE A 138 -8.75 6.73 18.54
CA PHE A 138 -7.64 6.46 17.62
C PHE A 138 -6.38 7.20 18.04
N GLU A 139 -5.27 6.47 18.19
CA GLU A 139 -4.03 7.05 18.70
C GLU A 139 -2.93 7.17 17.66
N GLY A 140 -2.93 6.31 16.65
CA GLY A 140 -1.84 6.27 15.70
C GLY A 140 -1.75 4.89 15.06
N ILE A 141 -0.67 4.69 14.31
CA ILE A 141 -0.45 3.41 13.65
C ILE A 141 0.98 2.95 13.89
N VAL A 142 1.16 1.64 13.89
CA VAL A 142 2.47 1.00 13.88
C VAL A 142 2.62 0.31 12.53
N THR A 143 3.76 0.48 11.86
CA THR A 143 3.96 -0.13 10.55
C THR A 143 5.10 -1.13 10.57
N ARG A 144 5.26 -1.83 9.46
CA ARG A 144 6.31 -2.83 9.33
C ARG A 144 7.70 -2.22 9.33
N ARG A 145 7.82 -0.92 9.03
CA ARG A 145 9.14 -0.32 8.83
C ARG A 145 10.02 -0.46 10.07
N VAL A 146 9.44 -0.30 11.27
CA VAL A 146 10.26 -0.37 12.48
C VAL A 146 10.91 -1.74 12.59
N VAL A 147 10.20 -2.80 12.19
CA VAL A 147 10.79 -4.14 12.29
C VAL A 147 11.89 -4.31 11.26
N LEU A 148 11.69 -3.78 10.05
CA LEU A 148 12.76 -3.84 9.05
C LEU A 148 13.98 -3.06 9.52
N LYS A 149 13.78 -1.93 10.19
CA LYS A 149 14.91 -1.19 10.75
C LYS A 149 15.66 -2.04 11.75
N GLN A 150 14.93 -2.77 12.58
CA GLN A 150 15.57 -3.63 13.58
C GLN A 150 16.32 -4.77 12.92
N VAL A 151 15.75 -5.37 11.88
CA VAL A 151 16.43 -6.47 11.18
C VAL A 151 17.70 -5.96 10.50
N ASN A 152 17.59 -4.82 9.83
CA ASN A 152 18.73 -4.12 9.24
C ASN A 152 19.84 -3.91 10.27
N ARG A 153 19.49 -3.38 11.44
CA ARG A 153 20.49 -3.17 12.49
C ARG A 153 21.12 -4.49 12.91
N TYR A 154 20.31 -5.54 13.03
CA TYR A 154 20.84 -6.82 13.48
C TYR A 154 21.82 -7.40 12.46
N ILE A 155 21.48 -7.32 11.16
CA ILE A 155 22.39 -7.80 10.12
C ILE A 155 23.72 -7.06 10.18
N HIS A 156 23.69 -5.76 10.44
CA HIS A 156 24.93 -4.97 10.49
C HIS A 156 25.73 -5.29 11.74
N LEU A 157 25.05 -5.56 12.85
CA LEU A 157 25.76 -5.99 14.06
C LEU A 157 26.48 -7.31 13.83
N GLN A 158 25.85 -8.22 13.07
CA GLN A 158 26.49 -9.50 12.77
C GLN A 158 27.75 -9.29 11.94
N VAL A 159 27.70 -8.37 10.97
CA VAL A 159 28.90 -8.01 10.22
C VAL A 159 29.97 -7.48 11.17
N GLU A 160 29.58 -6.61 12.11
CA GLU A 160 30.56 -6.06 13.07
C GLU A 160 31.17 -7.16 13.93
N GLU A 161 30.34 -8.09 14.41
CA GLU A 161 30.83 -9.13 15.32
C GLU A 161 31.76 -10.10 14.62
N ASN A 162 31.71 -10.16 13.30
CA ASN A 162 32.53 -11.08 12.54
C ASN A 162 33.62 -10.33 11.78
N ALA B 28 15.59 -15.40 -0.98
CA ALA B 28 15.58 -15.72 -2.40
C ALA B 28 14.31 -16.48 -2.78
N ASP B 29 13.99 -17.51 -2.00
CA ASP B 29 12.85 -18.36 -2.27
C ASP B 29 11.51 -17.70 -1.97
N SER B 30 11.51 -16.46 -1.52
CA SER B 30 10.26 -15.79 -1.17
C SER B 30 9.73 -14.88 -2.26
N MET B 31 10.48 -14.67 -3.34
CA MET B 31 10.02 -13.79 -4.41
C MET B 31 8.65 -14.24 -4.91
N ILE B 32 7.73 -13.29 -5.03
CA ILE B 32 6.46 -13.55 -5.70
C ILE B 32 6.74 -13.46 -7.21
N SER B 33 6.58 -14.59 -7.91
CA SER B 33 6.94 -14.61 -9.33
C SER B 33 5.99 -13.74 -10.14
N ALA B 34 6.54 -13.22 -11.26
CA ALA B 34 5.82 -12.22 -12.05
C ALA B 34 4.45 -12.69 -12.51
N GLU B 35 4.28 -13.98 -12.82
CA GLU B 35 3.01 -14.42 -13.36
C GLU B 35 1.88 -14.39 -12.33
N LYS B 36 2.21 -14.22 -11.04
CA LYS B 36 1.21 -14.05 -10.00
C LYS B 36 0.90 -12.59 -9.71
N VAL B 37 1.52 -11.66 -10.44
CA VAL B 37 1.32 -10.22 -10.24
C VAL B 37 0.63 -9.65 -11.47
N ALA B 38 -0.51 -8.99 -11.27
CA ALA B 38 -1.16 -8.33 -12.39
C ALA B 38 -0.31 -7.18 -12.89
N HIS B 39 -0.46 -6.87 -14.17
CA HIS B 39 0.26 -5.75 -14.76
C HIS B 39 -0.64 -5.11 -15.80
N VAL B 40 -0.22 -3.94 -16.25
CA VAL B 40 -0.82 -3.28 -17.41
C VAL B 40 0.32 -3.09 -18.41
N GLN B 41 -0.05 -2.60 -19.60
CA GLN B 41 0.91 -2.47 -20.70
C GLN B 41 0.94 -1.02 -21.17
N LEU B 42 2.11 -0.60 -21.66
CA LEU B 42 2.25 0.70 -22.29
C LEU B 42 1.12 0.93 -23.28
N GLY B 43 0.54 2.12 -23.23
CA GLY B 43 -0.54 2.49 -24.12
C GLY B 43 -1.92 2.29 -23.56
N ASN B 44 -2.09 1.39 -22.58
CA ASN B 44 -3.36 1.24 -21.90
C ASN B 44 -3.78 2.56 -21.26
N ASN B 45 -5.09 2.81 -21.21
CA ASN B 45 -5.53 4.04 -20.57
C ASN B 45 -5.76 3.84 -19.07
N LEU B 46 -6.02 4.96 -18.38
CA LEU B 46 -6.10 4.90 -16.92
C LEU B 46 -7.38 4.23 -16.45
N GLU B 47 -8.42 4.24 -17.27
CA GLU B 47 -9.64 3.50 -16.92
C GLU B 47 -9.34 2.01 -16.80
N HIS B 48 -8.63 1.46 -17.78
CA HIS B 48 -8.26 0.05 -17.72
C HIS B 48 -7.36 -0.23 -16.54
N ALA B 49 -6.39 0.66 -16.29
CA ALA B 49 -5.49 0.43 -15.16
C ALA B 49 -6.25 0.43 -13.83
N LEU B 50 -7.24 1.32 -13.69
CA LEU B 50 -8.05 1.34 -12.46
C LEU B 50 -8.82 0.03 -12.30
N LEU B 51 -9.36 -0.50 -13.40
CA LEU B 51 -10.06 -1.78 -13.34
C LEU B 51 -9.12 -2.90 -12.88
N VAL B 52 -7.94 -2.98 -13.49
CA VAL B 52 -6.98 -4.03 -13.12
C VAL B 52 -6.56 -3.87 -11.65
N LEU B 53 -6.22 -2.64 -11.24
CA LEU B 53 -5.80 -2.41 -9.86
C LEU B 53 -6.88 -2.84 -8.88
N THR B 54 -8.13 -2.46 -9.17
CA THR B 54 -9.22 -2.73 -8.24
C THR B 54 -9.43 -4.23 -8.04
N LYS B 55 -9.31 -5.02 -9.10
CA LYS B 55 -9.55 -6.45 -9.01
C LYS B 55 -8.36 -7.27 -8.52
N CYS B 56 -7.13 -6.76 -8.63
CA CYS B 56 -5.98 -7.64 -8.53
C CYS B 56 -5.47 -7.88 -7.13
N GLY B 57 -5.79 -7.02 -6.18
CA GLY B 57 -5.29 -7.22 -4.83
C GLY B 57 -3.91 -6.69 -4.53
N TYR B 58 -3.31 -5.94 -5.45
CA TYR B 58 -2.09 -5.19 -5.19
C TYR B 58 -2.39 -3.70 -5.36
N SER B 59 -1.84 -2.87 -4.48
CA SER B 59 -2.10 -1.44 -4.60
C SER B 59 -1.18 -0.76 -5.62
N VAL B 60 -0.06 -1.40 -5.98
CA VAL B 60 0.86 -0.91 -7.00
C VAL B 60 1.10 -2.06 -7.97
N ILE B 61 1.01 -1.80 -9.27
CA ILE B 61 1.28 -2.87 -10.23
C ILE B 61 2.28 -2.38 -11.27
N PRO B 62 3.02 -3.29 -11.89
CA PRO B 62 3.99 -2.89 -12.91
C PRO B 62 3.33 -2.54 -14.24
N VAL B 63 4.04 -1.69 -14.99
CA VAL B 63 3.71 -1.37 -16.38
C VAL B 63 4.77 -2.04 -17.25
N LEU B 64 4.34 -2.96 -18.12
CA LEU B 64 5.25 -3.73 -18.97
C LEU B 64 5.03 -3.37 -20.44
N ASP B 65 5.97 -3.84 -21.28
CA ASP B 65 5.80 -3.78 -22.73
C ASP B 65 5.57 -5.20 -23.28
N PHE B 66 5.55 -5.31 -24.63
CA PHE B 66 5.30 -6.59 -25.28
C PHE B 66 6.36 -7.64 -24.96
N GLU B 67 7.55 -7.22 -24.54
CA GLU B 67 8.59 -8.14 -24.14
C GLU B 67 8.60 -8.38 -22.64
N PHE B 68 7.56 -7.91 -21.94
CA PHE B 68 7.43 -8.08 -20.49
C PHE B 68 8.59 -7.41 -19.74
N LYS B 69 9.13 -6.34 -20.32
CA LYS B 69 10.14 -5.54 -19.66
C LYS B 69 9.48 -4.46 -18.81
N LEU B 70 10.10 -4.16 -17.67
CA LEU B 70 9.50 -3.28 -16.67
C LEU B 70 9.78 -1.82 -17.01
N HIS B 71 8.73 -1.03 -17.22
CA HIS B 71 8.88 0.38 -17.55
C HIS B 71 8.48 1.30 -16.40
N GLY B 72 7.63 0.86 -15.50
CA GLY B 72 7.19 1.74 -14.43
C GLY B 72 6.27 1.02 -13.49
N LEU B 73 5.81 1.77 -12.49
CA LEU B 73 4.87 1.30 -11.48
C LEU B 73 3.71 2.27 -11.41
N ILE B 74 2.48 1.75 -11.28
CA ILE B 74 1.31 2.61 -11.26
C ILE B 74 0.37 2.22 -10.11
N SER B 75 -0.26 3.22 -9.50
CA SER B 75 -1.18 3.02 -8.39
C SER B 75 -2.42 3.86 -8.62
N ALA B 76 -3.48 3.56 -7.87
CA ALA B 76 -4.70 4.38 -7.97
C ALA B 76 -4.43 5.82 -7.57
N ALA B 77 -3.52 6.06 -6.61
CA ALA B 77 -3.25 7.43 -6.19
C ALA B 77 -2.58 8.22 -7.31
N MET B 78 -1.65 7.60 -8.04
CA MET B 78 -1.05 8.26 -9.20
C MET B 78 -2.11 8.60 -10.23
N ILE B 79 -3.02 7.67 -10.47
CA ILE B 79 -4.06 7.87 -11.48
C ILE B 79 -5.00 8.99 -11.06
N THR B 80 -5.42 8.99 -9.80
CA THR B 80 -6.40 9.98 -9.37
C THR B 80 -5.77 11.36 -9.23
N ASP B 81 -4.52 11.42 -8.78
CA ASP B 81 -3.83 12.71 -8.74
C ASP B 81 -3.78 13.35 -10.12
N ALA B 82 -3.62 12.54 -11.16
CA ALA B 82 -3.49 13.08 -12.50
C ALA B 82 -4.78 13.73 -12.99
N ILE B 83 -5.92 13.37 -12.43
CA ILE B 83 -7.21 13.90 -12.88
C ILE B 83 -7.85 14.81 -11.83
N LEU B 84 -7.10 15.20 -10.81
CA LEU B 84 -7.60 16.17 -9.82
C LEU B 84 -7.65 17.55 -10.46
N GLY B 85 -8.86 18.08 -10.66
CA GLY B 85 -9.01 19.46 -11.10
C GLY B 85 -9.01 20.43 -9.92
N LEU B 86 -9.08 21.71 -10.26
CA LEU B 86 -9.20 22.74 -9.23
C LEU B 86 -10.60 22.79 -8.62
N GLU B 87 -11.59 22.17 -9.28
CA GLU B 87 -12.96 22.13 -8.78
C GLU B 87 -13.53 20.73 -8.62
N ARG B 88 -12.98 19.74 -9.32
CA ARG B 88 -13.60 18.42 -9.39
C ARG B 88 -12.54 17.37 -9.69
N ILE B 89 -12.86 16.11 -9.36
CA ILE B 89 -12.11 14.97 -9.85
C ILE B 89 -12.64 14.66 -11.24
N GLU B 90 -11.80 14.85 -12.26
CA GLU B 90 -12.27 14.85 -13.65
C GLU B 90 -12.15 13.45 -14.23
N PHE B 91 -13.11 12.60 -13.85
CA PHE B 91 -13.06 11.18 -14.22
C PHE B 91 -13.12 10.98 -15.72
N GLU B 92 -13.75 11.91 -16.46
CA GLU B 92 -13.81 11.75 -17.90
C GLU B 92 -12.42 11.72 -18.55
N ARG B 93 -11.39 12.22 -17.86
CA ARG B 93 -10.05 12.24 -18.42
C ARG B 93 -9.32 10.91 -18.29
N LEU B 94 -9.92 9.93 -17.61
CA LEU B 94 -9.24 8.63 -17.48
C LEU B 94 -9.05 7.95 -18.82
N GLU B 95 -10.01 8.12 -19.73
CA GLU B 95 -9.85 7.51 -21.04
C GLU B 95 -8.89 8.28 -21.94
N ASP B 96 -8.52 9.50 -21.58
CA ASP B 96 -7.61 10.32 -22.38
C ASP B 96 -6.14 10.17 -22.00
N LEU B 97 -5.84 9.67 -20.81
CA LEU B 97 -4.47 9.53 -20.34
C LEU B 97 -4.04 8.08 -20.43
N LYS B 98 -2.76 7.86 -20.71
CA LYS B 98 -2.17 6.53 -20.81
C LYS B 98 -1.36 6.25 -19.56
N VAL B 99 -1.14 4.96 -19.28
CA VAL B 99 -0.43 4.60 -18.04
C VAL B 99 0.96 5.22 -18.02
N GLU B 100 1.62 5.31 -19.18
CA GLU B 100 2.97 5.88 -19.19
C GLU B 100 2.95 7.38 -18.88
N ASP B 101 1.80 8.03 -18.97
CA ASP B 101 1.71 9.45 -18.62
C ASP B 101 1.81 9.68 -17.12
N VAL B 102 1.46 8.69 -16.29
CA VAL B 102 1.35 8.91 -14.85
C VAL B 102 2.21 7.95 -14.04
N MET B 103 2.75 6.90 -14.64
CA MET B 103 3.49 5.89 -13.90
C MET B 103 4.77 6.46 -13.31
N GLN B 104 5.21 5.85 -12.22
CA GLN B 104 6.49 6.19 -11.61
C GLN B 104 7.60 5.43 -12.33
N THR B 105 8.64 6.15 -12.71
CA THR B 105 9.74 5.55 -13.46
C THR B 105 11.02 5.46 -12.64
N ASP B 106 11.09 6.13 -11.50
CA ASP B 106 12.25 6.12 -10.61
C ASP B 106 11.92 5.21 -9.44
N PHE B 107 12.44 3.98 -9.50
CA PHE B 107 12.22 2.99 -8.45
C PHE B 107 13.45 2.10 -8.40
N PRO B 108 13.75 1.50 -7.24
CA PRO B 108 14.87 0.57 -7.18
C PRO B 108 14.47 -0.79 -7.74
N VAL B 109 15.49 -1.54 -8.17
CA VAL B 109 15.28 -2.91 -8.61
C VAL B 109 16.41 -3.75 -8.05
N ILE B 110 16.20 -5.05 -8.01
CA ILE B 110 17.28 -6.00 -7.80
C ILE B 110 17.31 -6.94 -9.00
N LYS B 111 18.52 -7.38 -9.35
CA LYS B 111 18.72 -8.27 -10.48
C LYS B 111 18.91 -9.73 -10.07
N ASP B 112 19.13 -9.99 -8.79
CA ASP B 112 19.48 -11.31 -8.30
C ASP B 112 19.52 -11.21 -6.78
N PHE B 113 19.94 -12.30 -6.12
CA PHE B 113 20.08 -12.31 -4.67
C PHE B 113 21.55 -12.42 -4.26
N ASN B 114 22.42 -11.74 -4.99
CA ASN B 114 23.85 -11.73 -4.70
C ASN B 114 24.25 -10.62 -3.74
N ASN B 115 23.31 -9.76 -3.34
CA ASN B 115 23.57 -8.68 -2.41
C ASN B 115 22.42 -8.63 -1.41
N ASN B 116 22.40 -9.63 -0.52
CA ASN B 116 21.30 -9.76 0.42
C ASN B 116 21.20 -8.58 1.37
N GLU B 117 22.34 -7.99 1.76
CA GLU B 117 22.29 -6.83 2.65
C GLU B 117 21.58 -5.65 1.98
N ARG B 118 21.82 -5.45 0.68
CA ARG B 118 21.15 -4.35 -0.02
C ARG B 118 19.64 -4.58 -0.07
N ILE B 119 19.21 -5.83 -0.25
CA ILE B 119 17.77 -6.10 -0.34
C ILE B 119 17.06 -5.73 0.98
N VAL B 120 17.62 -6.15 2.11
CA VAL B 120 17.01 -5.76 3.39
C VAL B 120 17.11 -4.26 3.59
N HIS B 121 18.23 -3.65 3.18
CA HIS B 121 18.35 -2.19 3.28
C HIS B 121 17.25 -1.48 2.49
N LEU B 122 16.99 -1.93 1.26
CA LEU B 122 15.94 -1.33 0.45
C LEU B 122 14.58 -1.48 1.12
N LEU B 123 14.33 -2.62 1.76
CA LEU B 123 13.01 -2.88 2.33
C LEU B 123 12.73 -2.03 3.55
N VAL B 124 13.74 -1.33 4.09
CA VAL B 124 13.47 -0.39 5.17
C VAL B 124 12.56 0.73 4.67
N ASP B 125 12.87 1.30 3.51
CA ASP B 125 12.11 2.44 2.99
C ASP B 125 11.19 2.09 1.85
N HIS B 126 11.13 0.81 1.43
CA HIS B 126 10.26 0.42 0.33
C HIS B 126 9.44 -0.81 0.73
N PRO B 127 8.12 -0.78 0.58
CA PRO B 127 7.33 -1.99 0.95
C PRO B 127 7.62 -3.17 0.06
N PHE B 128 8.09 -2.93 -1.16
CA PHE B 128 8.47 -4.01 -2.06
C PHE B 128 9.51 -3.49 -3.04
N VAL B 129 10.25 -4.41 -3.64
CA VAL B 129 11.21 -4.09 -4.69
C VAL B 129 11.01 -5.07 -5.84
N CYS B 130 11.06 -4.57 -7.06
CA CYS B 130 10.91 -5.43 -8.22
C CYS B 130 12.20 -6.15 -8.55
N VAL B 131 12.07 -7.39 -9.02
CA VAL B 131 13.19 -8.19 -9.51
C VAL B 131 13.12 -8.19 -11.04
N VAL B 132 14.24 -7.90 -11.68
CA VAL B 132 14.36 -7.84 -13.14
C VAL B 132 15.66 -8.52 -13.53
N ASP B 133 15.82 -8.80 -14.81
CA ASP B 133 17.12 -9.27 -15.29
C ASP B 133 17.87 -8.11 -15.96
N SER B 134 19.04 -8.42 -16.55
CA SER B 134 19.86 -7.38 -17.14
C SER B 134 19.19 -6.73 -18.33
N ASP B 135 18.24 -7.43 -18.96
CA ASP B 135 17.49 -6.90 -20.09
C ASP B 135 16.21 -6.18 -19.66
N HIS B 136 16.03 -5.94 -18.35
CA HIS B 136 14.87 -5.29 -17.75
C HIS B 136 13.60 -6.14 -17.79
N HIS B 137 13.71 -7.43 -18.11
CA HIS B 137 12.56 -8.31 -18.04
CA HIS B 137 12.56 -8.33 -18.03
C HIS B 137 12.08 -8.44 -16.59
N PHE B 138 10.76 -8.36 -16.41
CA PHE B 138 10.16 -8.39 -15.08
C PHE B 138 10.06 -9.83 -14.56
N GLU B 139 10.68 -10.10 -13.41
CA GLU B 139 10.74 -11.45 -12.85
C GLU B 139 9.85 -11.67 -11.63
N GLY B 140 9.58 -10.63 -10.85
CA GLY B 140 8.74 -10.77 -9.68
C GLY B 140 9.00 -9.63 -8.72
N ILE B 141 8.50 -9.79 -7.50
CA ILE B 141 8.67 -8.78 -6.47
C ILE B 141 9.10 -9.45 -5.16
N VAL B 142 9.89 -8.72 -4.39
CA VAL B 142 10.22 -9.09 -3.01
C VAL B 142 9.55 -8.09 -2.08
N THR B 143 8.86 -8.58 -1.04
CA THR B 143 8.15 -7.69 -0.13
C THR B 143 8.67 -7.82 1.29
N ARG B 144 8.21 -6.93 2.16
CA ARG B 144 8.61 -6.96 3.56
C ARG B 144 8.08 -8.17 4.32
N ARG B 145 7.05 -8.84 3.80
CA ARG B 145 6.32 -9.82 4.60
C ARG B 145 7.20 -11.01 4.99
N VAL B 146 8.09 -11.45 4.10
CA VAL B 146 8.93 -12.61 4.40
C VAL B 146 9.83 -12.32 5.60
N VAL B 147 10.33 -11.08 5.70
CA VAL B 147 11.15 -10.71 6.86
C VAL B 147 10.31 -10.75 8.13
N LEU B 148 9.08 -10.22 8.07
CA LEU B 148 8.21 -10.29 9.23
C LEU B 148 7.93 -11.73 9.62
N LYS B 149 7.73 -12.60 8.64
CA LYS B 149 7.54 -14.03 8.90
C LYS B 149 8.71 -14.60 9.70
N GLN B 150 9.93 -14.30 9.26
CA GLN B 150 11.11 -14.83 9.96
C GLN B 150 11.18 -14.32 11.38
N VAL B 151 10.96 -13.01 11.57
CA VAL B 151 11.02 -12.43 12.91
C VAL B 151 9.98 -13.08 13.82
N ASN B 152 8.77 -13.29 13.31
CA ASN B 152 7.73 -13.94 14.09
C ASN B 152 8.18 -15.33 14.53
N ARG B 153 8.81 -16.08 13.63
CA ARG B 153 9.26 -17.44 13.97
C ARG B 153 10.38 -17.41 15.00
N TYR B 154 11.35 -16.50 14.84
CA TYR B 154 12.41 -16.37 15.83
C TYR B 154 11.83 -16.01 17.20
N ILE B 155 10.86 -15.09 17.23
CA ILE B 155 10.22 -14.69 18.47
C ILE B 155 9.18 -15.72 18.88
CL CL C . 4.67 -3.02 4.05
#